data_7BRN
#
_entry.id   7BRN
#
_cell.length_a   74.729
_cell.length_b   74.729
_cell.length_c   57.092
_cell.angle_alpha   90.000
_cell.angle_beta   90.000
_cell.angle_gamma   120.000
#
_symmetry.space_group_name_H-M   'P 32 2 1'
#
loop_
_entity.id
_entity.type
_entity.pdbx_description
1 polymer 'Autophagy-related protein 40,Autophagy-related protein 8'
2 non-polymer L-EPINEPHRINE
3 non-polymer 1,2-ETHANEDIOL
4 water water
#
_entity_poly.entity_id   1
_entity_poly.type   'polypeptide(L)'
_entity_poly.pdbx_seq_one_letter_code
;GPEFPNDYDFMEDILDETMKSTFKSEYPFEKRKAESERIADRFPNRIPVICEKAEKSDIPEIDKRKYLVPADLTVGQFVY
VIRKRIMLPPEKAIFIFVNDTLPPTAALMSAIYQEHKDKDGFLYVTYSGENTFG
;
_entity_poly.pdbx_strand_id   A
#
# COMPACT_ATOMS: atom_id res chain seq x y z
N GLY A 1 9.25 -13.59 16.18
CA GLY A 1 7.96 -14.19 15.90
C GLY A 1 7.09 -13.37 14.96
N PRO A 2 7.02 -13.79 13.71
CA PRO A 2 6.22 -13.05 12.73
C PRO A 2 4.76 -12.99 13.14
N GLU A 3 4.12 -11.87 12.81
CA GLU A 3 2.68 -11.71 12.88
C GLU A 3 2.04 -12.04 11.54
N PHE A 4 0.76 -12.39 11.59
CA PHE A 4 0.00 -12.63 10.38
C PHE A 4 0.17 -11.47 9.40
N PRO A 5 0.36 -11.75 8.10
CA PRO A 5 0.40 -13.05 7.41
C PRO A 5 1.81 -13.66 7.29
N ASN A 6 2.76 -13.10 8.01
CA ASN A 6 4.13 -13.51 7.74
C ASN A 6 4.54 -14.78 8.47
N ASP A 7 3.63 -15.38 9.24
CA ASP A 7 3.75 -16.76 9.68
C ASP A 7 3.45 -17.75 8.58
N TYR A 8 2.98 -17.29 7.42
CA TYR A 8 2.79 -18.14 6.24
C TYR A 8 4.01 -18.12 5.33
N ASP A 9 4.27 -19.27 4.70
CA ASP A 9 5.24 -19.37 3.62
C ASP A 9 4.57 -19.06 2.29
N PHE A 10 5.01 -18.00 1.63
CA PHE A 10 4.46 -17.60 0.34
C PHE A 10 5.14 -18.30 -0.83
N MET A 11 6.17 -19.10 -0.56
CA MET A 11 6.84 -19.90 -1.58
C MET A 11 7.36 -19.01 -2.72
N GLU A 12 7.95 -17.87 -2.35
CA GLU A 12 8.44 -16.96 -3.38
C GLU A 12 9.41 -17.62 -4.34
N ASP A 13 10.09 -18.71 -3.93
CA ASP A 13 11.02 -19.41 -4.81
C ASP A 13 10.34 -20.10 -5.99
N ILE A 14 9.01 -20.12 -6.07
CA ILE A 14 8.40 -20.64 -7.29
C ILE A 14 7.22 -19.77 -7.70
N LEU A 15 7.07 -18.61 -7.07
CA LEU A 15 6.01 -17.69 -7.46
C LEU A 15 6.24 -17.26 -8.90
N ASP A 16 5.19 -17.36 -9.70
CA ASP A 16 5.27 -17.13 -11.12
C ASP A 16 4.46 -15.91 -11.52
N GLU A 17 4.63 -15.48 -12.76
CA GLU A 17 3.75 -14.47 -13.33
C GLU A 17 2.32 -14.99 -13.47
N THR A 18 2.13 -16.31 -13.56
CA THR A 18 0.79 -16.91 -13.59
C THR A 18 0.09 -16.86 -12.24
N MET A 19 0.77 -16.43 -11.19
CA MET A 19 0.20 -16.43 -9.86
C MET A 19 0.13 -15.03 -9.24
N LYS A 20 0.55 -14.00 -9.96
CA LYS A 20 0.57 -12.65 -9.40
C LYS A 20 -0.85 -12.10 -9.25
N SER A 21 -1.09 -11.39 -8.16
CA SER A 21 -2.46 -11.10 -7.74
C SER A 21 -2.44 -9.89 -6.84
N THR A 22 -3.24 -8.88 -7.19
CA THR A 22 -3.29 -7.65 -6.41
C THR A 22 -4.75 -7.24 -6.25
N PHE A 23 -4.93 -6.14 -5.53
CA PHE A 23 -6.28 -5.71 -5.16
C PHE A 23 -7.10 -5.44 -6.42
N LYS A 24 -6.55 -4.65 -7.35
CA LYS A 24 -7.29 -4.32 -8.57
C LYS A 24 -7.67 -5.56 -9.37
N SER A 25 -6.80 -6.58 -9.43
CA SER A 25 -7.08 -7.76 -10.24
C SER A 25 -7.87 -8.82 -9.48
N GLU A 26 -8.13 -8.60 -8.20
CA GLU A 26 -8.89 -9.56 -7.42
C GLU A 26 -10.35 -9.15 -7.19
N TYR A 27 -10.67 -7.86 -7.34
CA TYR A 27 -12.01 -7.35 -7.06
C TYR A 27 -12.51 -6.47 -8.20
N PRO A 28 -13.77 -6.63 -8.65
CA PRO A 28 -14.22 -5.91 -9.85
C PRO A 28 -14.11 -4.40 -9.65
N PHE A 29 -13.76 -3.69 -10.73
CA PHE A 29 -13.77 -2.23 -10.70
C PHE A 29 -15.06 -1.70 -10.06
N GLU A 30 -16.22 -2.22 -10.46
CA GLU A 30 -17.45 -1.62 -9.95
C GLU A 30 -17.55 -1.78 -8.44
N LYS A 31 -17.11 -2.92 -7.92
CA LYS A 31 -17.14 -3.09 -6.47
C LYS A 31 -16.16 -2.14 -5.81
N ARG A 32 -15.01 -1.92 -6.45
CA ARG A 32 -14.00 -1.03 -5.89
C ARG A 32 -14.48 0.41 -5.89
N LYS A 33 -15.05 0.86 -7.00
CA LYS A 33 -15.56 2.23 -7.06
C LYS A 33 -16.66 2.47 -6.02
N ALA A 34 -17.59 1.52 -5.89
CA ALA A 34 -18.66 1.66 -4.90
C ALA A 34 -18.11 1.77 -3.48
N GLU A 35 -17.02 1.04 -3.19
CA GLU A 35 -16.44 1.07 -1.85
C GLU A 35 -15.79 2.42 -1.55
N SER A 36 -15.01 2.95 -2.50
CA SER A 36 -14.43 4.27 -2.28
C SER A 36 -15.52 5.35 -2.24
N GLU A 37 -16.59 5.21 -3.02
CA GLU A 37 -17.69 6.18 -2.89
C GLU A 37 -18.32 6.09 -1.51
N ARG A 38 -18.48 4.87 -0.99
CA ARG A 38 -19.03 4.70 0.36
C ARG A 38 -18.13 5.38 1.39
N ILE A 39 -16.81 5.27 1.21
CA ILE A 39 -15.87 5.90 2.12
C ILE A 39 -15.93 7.41 2.06
N ALA A 40 -16.03 7.98 0.84
CA ALA A 40 -16.22 9.41 0.71
C ALA A 40 -17.46 9.87 1.47
N ASP A 41 -18.49 9.03 1.57
CA ASP A 41 -19.70 9.43 2.29
C ASP A 41 -19.54 9.25 3.79
N ARG A 42 -18.92 8.15 4.20
CA ARG A 42 -18.98 7.66 5.56
C ARG A 42 -17.73 8.03 6.36
N PHE A 43 -16.61 8.23 5.66
CA PHE A 43 -15.39 8.75 6.25
C PHE A 43 -14.88 9.93 5.41
N PRO A 44 -15.67 11.02 5.31
CA PRO A 44 -15.38 12.07 4.32
C PRO A 44 -13.99 12.66 4.38
N ASN A 45 -13.40 12.75 5.56
CA ASN A 45 -12.10 13.40 5.69
C ASN A 45 -10.92 12.42 5.67
N ARG A 46 -11.14 11.19 5.21
CA ARG A 46 -10.07 10.21 5.07
C ARG A 46 -9.73 9.97 3.60
N ILE A 47 -8.45 9.73 3.33
CA ILE A 47 -8.00 9.37 1.99
C ILE A 47 -7.87 7.84 1.92
N PRO A 48 -8.58 7.18 1.01
CA PRO A 48 -8.49 5.71 0.97
C PRO A 48 -7.29 5.27 0.13
N VAL A 49 -6.39 4.52 0.74
CA VAL A 49 -5.10 4.18 0.14
C VAL A 49 -5.00 2.66 0.10
N ILE A 50 -4.77 2.11 -1.09
CA ILE A 50 -4.40 0.72 -1.21
C ILE A 50 -2.87 0.67 -1.24
N CYS A 51 -2.28 0.03 -0.23
CA CYS A 51 -0.83 -0.09 -0.09
C CYS A 51 -0.47 -1.57 -0.14
N GLU A 52 0.30 -1.97 -1.16
CA GLU A 52 0.69 -3.36 -1.35
C GLU A 52 2.20 -3.49 -1.56
N LYS A 53 2.69 -4.71 -1.37
CA LYS A 53 4.13 -4.99 -1.44
C LYS A 53 4.59 -5.17 -2.89
N ALA A 54 5.66 -4.46 -3.26
CA ALA A 54 6.22 -4.60 -4.61
C ALA A 54 6.50 -6.07 -4.92
N GLU A 55 6.40 -6.42 -6.20
CA GLU A 55 6.51 -7.80 -6.62
C GLU A 55 7.93 -8.32 -6.37
N LYS A 56 8.03 -9.42 -5.62
CA LYS A 56 9.30 -10.10 -5.36
C LYS A 56 10.26 -9.28 -4.52
N SER A 57 9.79 -8.25 -3.84
CA SER A 57 10.65 -7.47 -2.96
C SER A 57 10.94 -8.26 -1.69
N ASP A 58 12.14 -8.03 -1.14
CA ASP A 58 12.57 -8.76 0.06
C ASP A 58 12.17 -7.95 1.28
N ILE A 59 10.89 -8.06 1.62
CA ILE A 59 10.30 -7.31 2.73
C ILE A 59 9.03 -8.03 3.17
N PRO A 60 8.68 -7.97 4.46
CA PRO A 60 7.48 -8.68 4.93
C PRO A 60 6.23 -8.24 4.19
N GLU A 61 5.24 -9.13 4.18
CA GLU A 61 3.91 -8.84 3.67
C GLU A 61 3.11 -8.11 4.74
N ILE A 62 1.98 -7.57 4.32
CA ILE A 62 1.13 -6.79 5.21
C ILE A 62 -0.27 -7.38 5.24
N ASP A 63 -0.87 -7.39 6.43
CA ASP A 63 -2.23 -7.87 6.59
C ASP A 63 -3.22 -6.87 5.98
N LYS A 64 -3.40 -5.72 6.61
CA LYS A 64 -4.29 -4.71 6.04
C LYS A 64 -3.53 -3.90 5.00
N ARG A 65 -3.91 -4.07 3.74
CA ARG A 65 -3.45 -3.26 2.63
C ARG A 65 -4.34 -2.04 2.34
N LYS A 66 -5.37 -1.77 3.15
CA LYS A 66 -6.30 -0.65 2.93
C LYS A 66 -6.20 0.34 4.08
N TYR A 67 -5.91 1.60 3.75
CA TYR A 67 -5.68 2.61 4.79
C TYR A 67 -6.67 3.76 4.65
N LEU A 68 -7.19 4.20 5.80
CA LEU A 68 -7.97 5.42 5.92
C LEU A 68 -7.03 6.52 6.45
N VAL A 69 -6.35 7.18 5.53
CA VAL A 69 -5.30 8.13 5.89
C VAL A 69 -5.93 9.48 6.23
N PRO A 70 -5.60 10.08 7.38
CA PRO A 70 -5.99 11.47 7.62
C PRO A 70 -5.48 12.37 6.50
N ALA A 71 -6.23 13.43 6.22
CA ALA A 71 -6.00 14.22 5.03
C ALA A 71 -4.70 15.03 5.11
N ASP A 72 -4.31 15.45 6.30
CA ASP A 72 -3.07 16.23 6.47
C ASP A 72 -1.85 15.37 6.82
N LEU A 73 -1.93 14.04 6.69
CA LEU A 73 -0.80 13.16 7.01
C LEU A 73 0.24 13.20 5.88
N THR A 74 1.49 13.39 6.24
CA THR A 74 2.53 13.45 5.21
C THR A 74 2.88 12.04 4.73
N VAL A 75 3.59 12.01 3.59
CA VAL A 75 4.15 10.77 3.06
C VAL A 75 5.14 10.17 4.05
N GLY A 76 6.02 11.00 4.58
CA GLY A 76 6.92 10.53 5.62
C GLY A 76 6.19 9.84 6.75
N GLN A 77 5.09 10.44 7.21
CA GLN A 77 4.38 9.82 8.32
C GLN A 77 3.73 8.51 7.89
N PHE A 78 3.17 8.47 6.68
CA PHE A 78 2.57 7.23 6.22
C PHE A 78 3.62 6.10 6.14
N VAL A 79 4.83 6.40 5.65
CA VAL A 79 5.90 5.39 5.59
C VAL A 79 6.20 4.84 6.99
N TYR A 80 6.28 5.73 7.98
CA TYR A 80 6.54 5.28 9.34
C TYR A 80 5.47 4.30 9.81
N VAL A 81 4.19 4.54 9.49
CA VAL A 81 3.13 3.64 9.91
C VAL A 81 3.30 2.26 9.28
N ILE A 82 3.58 2.22 7.97
CA ILE A 82 3.76 0.92 7.33
C ILE A 82 4.95 0.18 7.95
N ARG A 83 6.07 0.88 8.14
CA ARG A 83 7.21 0.29 8.83
C ARG A 83 6.77 -0.34 10.14
N LYS A 84 5.98 0.40 10.91
CA LYS A 84 5.50 -0.09 12.20
C LYS A 84 4.68 -1.36 12.03
N ARG A 85 3.86 -1.40 10.99
CA ARG A 85 2.90 -2.48 10.84
C ARG A 85 3.57 -3.78 10.44
N ILE A 86 4.52 -3.72 9.51
CA ILE A 86 5.30 -4.90 9.15
C ILE A 86 6.42 -5.15 10.14
N MET A 87 6.50 -4.36 11.22
CA MET A 87 7.56 -4.52 12.24
C MET A 87 8.96 -4.58 11.61
N LEU A 88 9.17 -3.74 10.63
CA LEU A 88 10.48 -3.68 10.00
C LEU A 88 11.50 -3.16 11.00
N PRO A 89 12.65 -3.83 11.17
CA PRO A 89 13.67 -3.32 12.07
C PRO A 89 14.10 -1.93 11.64
N PRO A 90 14.32 -1.01 12.58
CA PRO A 90 14.70 0.36 12.19
C PRO A 90 15.90 0.42 11.26
N GLU A 91 16.83 -0.54 11.35
CA GLU A 91 18.05 -0.54 10.55
C GLU A 91 17.82 -0.96 9.11
N LYS A 92 16.64 -1.48 8.76
CA LYS A 92 16.34 -1.88 7.39
C LYS A 92 15.47 -0.83 6.68
N ALA A 93 15.66 -0.70 5.37
CA ALA A 93 15.08 0.37 4.58
C ALA A 93 13.67 0.03 4.07
N ILE A 94 12.90 1.08 3.74
CA ILE A 94 11.58 0.90 3.13
C ILE A 94 11.21 2.13 2.30
N PHE A 95 10.77 1.90 1.06
CA PHE A 95 10.38 2.97 0.15
C PHE A 95 8.95 2.72 -0.32
N ILE A 96 8.23 3.79 -0.59
CA ILE A 96 6.91 3.70 -1.20
C ILE A 96 6.95 4.43 -2.55
N PHE A 97 6.31 3.83 -3.54
CA PHE A 97 6.23 4.39 -4.88
C PHE A 97 4.79 4.77 -5.20
N VAL A 98 4.64 5.89 -5.91
CA VAL A 98 3.38 6.30 -6.51
C VAL A 98 3.65 6.55 -7.98
N ASN A 99 2.91 5.86 -8.86
CA ASN A 99 3.18 5.99 -10.28
C ASN A 99 4.66 5.65 -10.55
N ASP A 100 5.16 4.63 -9.86
CA ASP A 100 6.55 4.21 -9.97
C ASP A 100 7.53 5.33 -9.60
N THR A 101 7.13 6.20 -8.67
CA THR A 101 7.98 7.30 -8.26
C THR A 101 7.99 7.45 -6.74
N LEU A 102 9.14 7.85 -6.23
CA LEU A 102 9.28 8.21 -4.82
C LEU A 102 8.67 9.58 -4.58
N PRO A 103 7.53 9.66 -3.88
CA PRO A 103 6.97 10.98 -3.57
C PRO A 103 7.86 11.70 -2.60
N PRO A 104 7.85 13.04 -2.62
CA PRO A 104 8.64 13.78 -1.62
C PRO A 104 8.06 13.57 -0.22
N THR A 105 8.92 13.26 0.73
CA THR A 105 8.46 12.74 2.01
C THR A 105 7.65 13.76 2.80
N ALA A 106 7.79 15.05 2.49
CA ALA A 106 7.04 16.11 3.13
C ALA A 106 5.71 16.39 2.45
N ALA A 107 5.39 15.69 1.38
CA ALA A 107 4.15 15.94 0.65
C ALA A 107 2.94 15.40 1.41
N LEU A 108 1.87 16.18 1.43
CA LEU A 108 0.62 15.70 2.02
C LEU A 108 0.04 14.56 1.19
N MET A 109 -0.43 13.52 1.88
CA MET A 109 -1.14 12.46 1.19
C MET A 109 -2.36 12.99 0.45
N SER A 110 -2.96 14.08 0.93
CA SER A 110 -4.11 14.63 0.21
C SER A 110 -3.69 15.14 -1.17
N ALA A 111 -2.52 15.78 -1.26
CA ALA A 111 -2.02 16.25 -2.55
C ALA A 111 -1.72 15.08 -3.49
N ILE A 112 -1.04 14.05 -2.98
CA ILE A 112 -0.76 12.88 -3.81
C ILE A 112 -2.06 12.23 -4.30
N TYR A 113 -3.10 12.22 -3.46
CA TYR A 113 -4.39 11.71 -3.89
C TYR A 113 -4.97 12.54 -5.04
N GLN A 114 -4.91 13.87 -4.92
CA GLN A 114 -5.52 14.72 -5.94
C GLN A 114 -4.81 14.57 -7.27
N GLU A 115 -3.50 14.30 -7.25
CA GLU A 115 -2.72 14.12 -8.46
C GLU A 115 -2.77 12.71 -9.03
N HIS A 116 -2.91 11.67 -8.19
CA HIS A 116 -2.71 10.30 -8.64
C HIS A 116 -3.84 9.34 -8.35
N LYS A 117 -5.03 9.81 -7.98
CA LYS A 117 -6.06 8.85 -7.58
C LYS A 117 -6.52 8.04 -8.79
N ASP A 118 -6.94 6.81 -8.54
CA ASP A 118 -7.32 5.89 -9.60
C ASP A 118 -8.71 6.25 -10.12
N LYS A 119 -9.01 5.75 -11.32
CA LYS A 119 -10.39 5.85 -11.82
C LYS A 119 -11.36 5.27 -10.80
N ASP A 120 -10.92 4.32 -9.97
CA ASP A 120 -11.83 3.72 -8.99
C ASP A 120 -11.92 4.50 -7.68
N GLY A 121 -11.26 5.65 -7.57
CA GLY A 121 -11.34 6.47 -6.38
C GLY A 121 -10.30 6.20 -5.32
N PHE A 122 -9.55 5.10 -5.44
CA PHE A 122 -8.48 4.79 -4.49
C PHE A 122 -7.17 5.43 -4.90
N LEU A 123 -6.28 5.59 -3.94
CA LEU A 123 -4.90 5.92 -4.22
C LEU A 123 -4.07 4.65 -4.06
N TYR A 124 -3.36 4.25 -5.11
CA TYR A 124 -2.57 3.03 -5.06
C TYR A 124 -1.12 3.38 -4.74
N VAL A 125 -0.60 2.74 -3.69
CA VAL A 125 0.79 2.88 -3.27
C VAL A 125 1.43 1.50 -3.25
N THR A 126 2.74 1.48 -3.48
CA THR A 126 3.57 0.28 -3.48
C THR A 126 4.73 0.50 -2.54
N TYR A 127 4.95 -0.45 -1.63
CA TYR A 127 6.12 -0.37 -0.75
C TYR A 127 7.10 -1.48 -1.11
N SER A 128 8.37 -1.25 -0.79
CA SER A 128 9.40 -2.25 -1.06
C SER A 128 10.58 -2.02 -0.12
N GLY A 129 11.45 -3.02 -0.09
CA GLY A 129 12.72 -2.94 0.62
C GLY A 129 13.84 -2.58 -0.31
N GLU A 130 15.08 -2.82 0.16
CA GLU A 130 16.25 -2.48 -0.64
C GLU A 130 16.54 -3.52 -1.70
N ASN A 131 16.26 -4.80 -1.42
CA ASN A 131 16.54 -5.92 -2.31
C ASN A 131 15.23 -6.52 -2.80
N THR A 132 15.36 -7.46 -3.76
CA THR A 132 14.23 -8.17 -4.34
C THR A 132 14.72 -9.50 -4.91
N PHE A 133 13.82 -10.48 -4.98
CA PHE A 133 14.15 -11.84 -5.38
C PHE A 133 14.27 -11.99 -6.90
#